data_5EP5
#
_entry.id   5EP5
#
_cell.length_a   44.220
_cell.length_b   91.570
_cell.length_c   65.740
_cell.angle_alpha   90.00
_cell.angle_beta   99.52
_cell.angle_gamma   90.00
#
_symmetry.space_group_name_H-M   'P 1 21 1'
#
_entity_poly.entity_id   1
_entity_poly.type   'polypeptide(L)'
_entity_poly.pdbx_seq_one_letter_code
;SNAMTHLLETFEMSIDHQEDGLVVISMPVTDKVKQPFGYLHGGASIALGETACSLGSANLIDTTKFIPLGLEMNANHIHS
AKDGRVTATAEIIHRGKSTHVWDIKIKNDKEQLITVMRGTVAIKPLK
;
_entity_poly.pdbx_strand_id   A,B,C,D
#
# COMPACT_ATOMS: atom_id res chain seq x y z
N HIS A 6 4.04 24.38 9.39
CA HIS A 6 3.68 24.30 10.80
C HIS A 6 3.55 22.89 11.35
N LEU A 7 3.23 21.90 10.53
CA LEU A 7 3.40 20.52 11.06
C LEU A 7 4.87 20.20 11.36
N LEU A 8 5.75 20.72 10.52
CA LEU A 8 7.19 20.62 10.74
C LEU A 8 7.57 21.23 12.07
N GLU A 9 7.01 22.39 12.39
CA GLU A 9 7.21 23.03 13.69
C GLU A 9 6.63 22.20 14.85
N THR A 10 5.39 21.74 14.66
CA THR A 10 4.68 20.98 15.67
C THR A 10 5.48 19.77 16.11
N PHE A 11 6.09 19.07 15.14
CA PHE A 11 6.86 17.86 15.41
C PHE A 11 8.36 18.11 15.65
N GLU A 12 8.75 19.39 15.59
CA GLU A 12 10.12 19.80 15.77
C GLU A 12 11.08 19.07 14.81
N MET A 13 10.69 19.04 13.56
CA MET A 13 11.49 18.44 12.51
C MET A 13 12.66 19.38 12.13
N SER A 14 13.79 18.79 11.80
CA SER A 14 14.95 19.51 11.27
C SER A 14 15.40 18.89 9.97
N ILE A 15 15.61 19.73 8.96
CA ILE A 15 16.08 19.26 7.68
C ILE A 15 17.60 19.11 7.82
N ASP A 16 18.12 17.89 7.83
CA ASP A 16 19.56 17.66 8.00
C ASP A 16 20.33 17.72 6.70
N HIS A 17 19.67 17.39 5.60
CA HIS A 17 20.32 17.41 4.30
C HIS A 17 19.29 17.36 3.17
N GLN A 18 19.59 18.15 2.13
CA GLN A 18 18.83 18.22 0.90
C GLN A 18 19.79 18.22 -0.25
N GLU A 19 19.54 17.35 -1.22
CA GLU A 19 20.12 17.50 -2.53
C GLU A 19 19.14 16.92 -3.51
N ASP A 20 19.33 17.15 -4.79
CA ASP A 20 18.40 16.66 -5.80
C ASP A 20 18.15 15.16 -5.64
N GLY A 21 16.91 14.79 -5.34
CA GLY A 21 16.55 13.40 -5.18
C GLY A 21 16.91 12.75 -3.85
N LEU A 22 17.36 13.53 -2.87
CA LEU A 22 17.60 13.00 -1.54
C LEU A 22 17.30 14.00 -0.43
N VAL A 23 16.48 13.60 0.53
CA VAL A 23 16.12 14.46 1.64
C VAL A 23 16.28 13.70 2.95
N VAL A 24 16.91 14.34 3.94
CA VAL A 24 17.06 13.73 5.25
C VAL A 24 16.45 14.67 6.27
N ILE A 25 15.44 14.19 7.01
CA ILE A 25 14.73 15.00 8.01
C ILE A 25 14.64 14.20 9.29
N SER A 26 14.99 14.82 10.40
CA SER A 26 14.97 14.13 11.69
C SER A 26 14.02 14.83 12.64
N MET A 27 13.63 14.14 13.71
CA MET A 27 12.83 14.75 14.76
C MET A 27 13.00 14.03 16.09
N PRO A 28 12.82 14.74 17.22
CA PRO A 28 12.90 14.11 18.53
C PRO A 28 11.65 13.26 18.83
N VAL A 29 11.88 12.12 19.47
CA VAL A 29 10.80 11.28 19.96
C VAL A 29 10.38 11.79 21.34
N THR A 30 9.36 12.63 21.35
CA THR A 30 8.84 13.20 22.56
C THR A 30 7.48 12.62 22.88
N ASP A 31 6.99 12.96 24.05
CA ASP A 31 5.65 12.53 24.46
C ASP A 31 4.58 13.04 23.49
N LYS A 32 4.77 14.24 22.94
CA LYS A 32 3.75 14.77 22.03
C LYS A 32 3.56 13.98 20.73
N VAL A 33 4.51 13.11 20.38
CA VAL A 33 4.40 12.26 19.17
C VAL A 33 4.31 10.78 19.51
N LYS A 34 4.02 10.45 20.76
CA LYS A 34 3.96 9.04 21.16
C LYS A 34 2.55 8.54 21.19
N GLN A 35 2.40 7.24 21.27
CA GLN A 35 1.10 6.60 21.39
C GLN A 35 0.91 6.31 22.89
N PRO A 36 -0.26 5.78 23.31
CA PRO A 36 -0.41 5.66 24.77
C PRO A 36 0.43 4.62 25.50
N PHE A 37 1.10 3.72 24.79
CA PHE A 37 1.76 2.63 25.50
C PHE A 37 3.03 2.90 26.31
N GLY A 38 3.98 3.68 25.81
CA GLY A 38 3.88 4.37 24.55
C GLY A 38 5.18 4.54 23.82
N TYR A 39 5.16 4.09 22.57
CA TYR A 39 6.22 4.26 21.61
C TYR A 39 5.91 5.46 20.71
N LEU A 40 6.82 5.76 19.80
CA LEU A 40 6.55 6.69 18.71
C LEU A 40 5.31 6.18 17.97
N HIS A 41 4.34 7.09 17.76
CA HIS A 41 3.09 6.79 17.05
C HIS A 41 3.46 6.47 15.60
N GLY A 42 2.89 5.40 15.05
CA GLY A 42 3.20 4.98 13.67
C GLY A 42 2.92 6.10 12.67
N GLY A 43 1.76 6.70 12.83
CA GLY A 43 1.38 7.90 12.10
C GLY A 43 2.34 9.07 12.13
N ALA A 44 3.04 9.29 13.23
CA ALA A 44 3.95 10.41 13.33
C ALA A 44 5.18 10.14 12.48
N SER A 45 5.63 8.89 12.52
CA SER A 45 6.69 8.40 11.65
C SER A 45 6.31 8.58 10.18
N ILE A 46 5.10 8.16 9.83
CA ILE A 46 4.61 8.31 8.46
C ILE A 46 4.57 9.80 8.09
N ALA A 47 4.11 10.66 8.99
CA ALA A 47 4.03 12.08 8.72
C ALA A 47 5.43 12.68 8.46
N LEU A 48 6.43 12.25 9.21
CA LEU A 48 7.82 12.62 8.93
C LEU A 48 8.26 12.20 7.53
N GLY A 49 7.98 10.95 7.16
CA GLY A 49 8.26 10.44 5.81
C GLY A 49 7.57 11.22 4.69
N GLU A 50 6.29 11.52 4.87
CA GLU A 50 5.53 12.24 3.88
C GLU A 50 6.08 13.65 3.75
N THR A 51 6.47 14.23 4.86
CA THR A 51 7.13 15.54 4.84
C THR A 51 8.42 15.51 4.03
N ALA A 52 9.24 14.49 4.25
CA ALA A 52 10.51 14.38 3.53
C ALA A 52 10.33 14.30 2.00
N CYS A 53 9.46 13.43 1.53
CA CYS A 53 9.30 13.30 0.09
C CYS A 53 8.54 14.47 -0.52
N SER A 54 7.64 15.07 0.24
CA SER A 54 6.98 16.32 -0.19
C SER A 54 8.01 17.44 -0.45
N LEU A 55 8.86 17.70 0.53
CA LEU A 55 9.93 18.68 0.36
C LEU A 55 10.90 18.32 -0.81
N GLY A 56 11.25 17.03 -0.95
CA GLY A 56 12.06 16.57 -2.07
C GLY A 56 11.45 16.90 -3.42
N SER A 57 10.16 16.59 -3.56
CA SER A 57 9.48 16.84 -4.82
C SER A 57 9.43 18.36 -5.11
N ALA A 58 9.19 19.14 -4.07
CA ALA A 58 9.17 20.60 -4.20
C ALA A 58 10.51 21.11 -4.73
N ASN A 59 11.58 20.51 -4.23
CA ASN A 59 12.94 20.87 -4.64
C ASN A 59 13.21 20.51 -6.09
N LEU A 60 12.42 19.62 -6.68
CA LEU A 60 12.69 19.21 -8.05
C LEU A 60 11.82 19.85 -9.07
N ILE A 61 10.90 20.72 -8.67
CA ILE A 61 9.98 21.35 -9.64
C ILE A 61 10.01 22.85 -9.53
N ASP A 62 9.43 23.48 -10.54
CA ASP A 62 9.24 24.91 -10.53
C ASP A 62 8.01 25.17 -9.73
N THR A 63 8.20 25.57 -8.49
CA THR A 63 7.09 25.82 -7.56
C THR A 63 6.28 27.09 -7.83
N THR A 64 6.62 27.89 -8.82
CA THR A 64 5.74 29.00 -9.11
C THR A 64 4.69 28.55 -10.08
N LYS A 65 4.86 27.35 -10.61
CA LYS A 65 3.95 26.82 -11.58
C LYS A 65 3.25 25.55 -11.12
N PHE A 66 3.91 24.76 -10.28
CA PHE A 66 3.37 23.47 -9.89
C PHE A 66 3.36 23.29 -8.40
N ILE A 67 2.55 22.35 -7.97
CA ILE A 67 2.47 22.01 -6.56
C ILE A 67 2.59 20.48 -6.38
N PRO A 68 3.40 20.03 -5.42
CA PRO A 68 3.49 18.60 -5.07
C PRO A 68 2.48 18.19 -4.03
N LEU A 69 1.57 17.27 -4.37
CA LEU A 69 0.56 16.77 -3.43
C LEU A 69 0.73 15.28 -3.21
N GLY A 70 0.76 14.88 -1.95
CA GLY A 70 0.81 13.49 -1.59
C GLY A 70 -0.38 12.81 -2.23
N LEU A 71 -0.14 11.76 -2.97
CA LEU A 71 -1.21 11.06 -3.66
C LEU A 71 -1.45 9.69 -3.04
N GLU A 72 -0.40 8.90 -2.89
CA GLU A 72 -0.48 7.62 -2.21
C GLU A 72 0.70 7.45 -1.23
N MET A 73 0.46 6.88 -0.06
CA MET A 73 1.54 6.56 0.88
C MET A 73 1.32 5.16 1.39
N ASN A 74 2.37 4.37 1.47
CA ASN A 74 2.28 3.12 2.19
C ASN A 74 3.51 2.88 3.06
N ALA A 75 3.36 2.09 4.11
CA ALA A 75 4.42 1.93 5.12
C ALA A 75 4.31 0.66 5.94
N ASN A 76 5.46 0.05 6.19
CA ASN A 76 5.57 -1.07 7.12
C ASN A 76 6.29 -0.59 8.35
N HIS A 77 5.71 -0.87 9.50
CA HIS A 77 6.32 -0.58 10.78
C HIS A 77 7.11 -1.82 11.18
N ILE A 78 8.41 -1.64 11.46
CA ILE A 78 9.34 -2.75 11.71
C ILE A 78 9.81 -2.82 13.16
N HIS A 79 10.38 -1.75 13.69
CA HIS A 79 10.78 -1.67 15.08
C HIS A 79 10.16 -0.46 15.76
N SER A 80 10.18 -0.47 17.08
CA SER A 80 9.68 0.63 17.88
C SER A 80 10.74 1.68 18.17
N ALA A 81 10.29 2.89 18.45
CA ALA A 81 11.15 3.96 18.96
C ALA A 81 10.52 4.48 20.23
N LYS A 82 11.34 4.65 21.26
CA LYS A 82 10.87 5.08 22.57
C LYS A 82 11.42 6.44 22.94
N ASP A 83 12.60 6.81 22.43
CA ASP A 83 13.25 8.06 22.84
C ASP A 83 14.33 8.50 21.85
N GLY A 84 14.97 9.64 22.15
CA GLY A 84 16.03 10.16 21.30
C GLY A 84 15.45 10.74 20.02
N ARG A 85 16.12 10.49 18.90
CA ARG A 85 15.65 11.01 17.61
C ARG A 85 15.36 9.91 16.59
N VAL A 86 14.49 10.22 15.64
CA VAL A 86 14.28 9.39 14.46
C VAL A 86 14.58 10.20 13.20
N THR A 87 15.09 9.50 12.18
CA THR A 87 15.54 10.15 10.95
C THR A 87 14.98 9.46 9.72
N ALA A 88 14.35 10.26 8.86
CA ALA A 88 13.82 9.79 7.59
C ALA A 88 14.78 10.15 6.47
N THR A 89 15.17 9.14 5.70
CA THR A 89 15.92 9.31 4.49
C THR A 89 15.01 8.98 3.32
N ALA A 90 14.75 9.99 2.48
CA ALA A 90 13.88 9.86 1.34
C ALA A 90 14.72 9.92 0.07
N GLU A 91 14.69 8.87 -0.74
CA GLU A 91 15.43 8.82 -2.01
C GLU A 91 14.47 8.64 -3.16
N ILE A 92 14.61 9.44 -4.21
CA ILE A 92 13.66 9.35 -5.31
C ILE A 92 13.93 8.09 -6.14
N ILE A 93 12.85 7.40 -6.49
CA ILE A 93 12.86 6.20 -7.34
C ILE A 93 12.48 6.56 -8.77
N HIS A 94 11.50 7.45 -8.92
CA HIS A 94 11.03 7.86 -10.22
C HIS A 94 10.64 9.33 -10.24
N ARG A 95 11.23 10.10 -11.16
CA ARG A 95 10.89 11.52 -11.33
C ARG A 95 10.14 11.73 -12.64
N GLY A 96 8.83 11.48 -12.63
CA GLY A 96 8.02 11.65 -13.84
C GLY A 96 7.46 13.07 -13.99
N LYS A 97 6.76 13.36 -15.09
CA LYS A 97 6.21 14.70 -15.35
C LYS A 97 5.08 15.00 -14.39
N SER A 98 4.19 14.04 -14.19
CA SER A 98 3.01 14.26 -13.32
C SER A 98 3.04 13.49 -11.99
N THR A 99 3.94 12.49 -11.86
CA THR A 99 4.17 11.84 -10.56
C THR A 99 5.66 11.64 -10.21
N HIS A 100 5.97 11.74 -8.91
CA HIS A 100 7.24 11.28 -8.37
C HIS A 100 6.97 10.09 -7.43
N VAL A 101 7.87 9.10 -7.42
CA VAL A 101 7.76 7.99 -6.46
C VAL A 101 9.03 8.00 -5.62
N TRP A 102 8.86 7.89 -4.30
CA TRP A 102 9.95 8.01 -3.34
C TRP A 102 10.03 6.79 -2.43
N ASP A 103 11.25 6.42 -2.06
CA ASP A 103 11.47 5.35 -1.12
C ASP A 103 11.92 6.04 0.13
N ILE A 104 11.31 5.73 1.26
CA ILE A 104 11.68 6.37 2.50
C ILE A 104 12.02 5.33 3.56
N LYS A 105 13.17 5.50 4.24
CA LYS A 105 13.51 4.70 5.40
C LYS A 105 13.59 5.59 6.63
N ILE A 106 12.98 5.16 7.73
CA ILE A 106 13.00 5.87 8.98
C ILE A 106 13.68 5.01 10.03
N LYS A 107 14.76 5.54 10.60
CA LYS A 107 15.62 4.85 11.58
C LYS A 107 15.73 5.58 12.91
N ASN A 108 16.07 4.82 13.95
CA ASN A 108 16.26 5.40 15.28
C ASN A 108 17.74 5.65 15.55
N ASP A 109 18.05 6.05 16.78
CA ASP A 109 19.43 6.26 17.21
C ASP A 109 20.32 5.06 17.04
N LYS A 110 19.76 3.88 17.30
CA LYS A 110 20.55 2.65 17.24
C LYS A 110 20.68 2.09 15.82
N GLU A 111 20.40 2.93 14.82
CA GLU A 111 20.40 2.54 13.41
C GLU A 111 19.39 1.45 13.07
N GLN A 112 18.33 1.30 13.87
CA GLN A 112 17.32 0.30 13.58
C GLN A 112 16.26 0.86 12.65
N LEU A 113 15.77 0.00 11.76
CA LEU A 113 14.69 0.38 10.88
C LEU A 113 13.41 0.44 11.70
N ILE A 114 12.84 1.64 11.78
CA ILE A 114 11.57 1.83 12.45
C ILE A 114 10.45 1.65 11.47
N THR A 115 10.54 2.32 10.34
CA THR A 115 9.45 2.36 9.37
C THR A 115 10.03 2.44 7.97
N VAL A 116 9.51 1.62 7.06
CA VAL A 116 9.95 1.62 5.70
C VAL A 116 8.71 1.98 4.88
N MET A 117 8.88 2.81 3.86
CA MET A 117 7.75 3.56 3.31
C MET A 117 7.93 3.85 1.82
N ARG A 118 6.83 3.88 1.06
CA ARG A 118 6.89 4.31 -0.34
C ARG A 118 5.80 5.36 -0.57
N GLY A 119 6.16 6.46 -1.21
CA GLY A 119 5.28 7.60 -1.31
C GLY A 119 5.19 8.05 -2.74
N THR A 120 3.97 8.33 -3.17
CA THR A 120 3.71 8.76 -4.54
C THR A 120 3.17 10.18 -4.42
N VAL A 121 3.86 11.11 -5.08
CA VAL A 121 3.55 12.53 -5.02
C VAL A 121 3.07 12.97 -6.39
N ALA A 122 1.90 13.61 -6.43
CA ALA A 122 1.37 14.14 -7.68
C ALA A 122 1.96 15.51 -7.90
N ILE A 123 2.32 15.79 -9.15
CA ILE A 123 2.75 17.12 -9.54
C ILE A 123 1.61 17.81 -10.30
N LYS A 124 0.99 18.78 -9.64
CA LYS A 124 -0.23 19.42 -10.15
C LYS A 124 -0.01 20.86 -10.57
N PRO A 125 -0.70 21.30 -11.63
CA PRO A 125 -0.69 22.73 -11.94
C PRO A 125 -1.40 23.56 -10.86
N HIS B 6 3.10 -23.86 -9.90
CA HIS B 6 2.28 -23.96 -11.13
C HIS B 6 1.74 -22.62 -11.68
N LEU B 7 1.86 -21.52 -10.97
CA LEU B 7 1.60 -20.24 -11.60
C LEU B 7 2.89 -19.89 -12.24
N LEU B 8 3.94 -20.54 -11.77
CA LEU B 8 5.26 -20.38 -12.30
C LEU B 8 5.38 -20.92 -13.67
N GLU B 9 4.73 -22.05 -13.92
CA GLU B 9 4.75 -22.67 -15.22
C GLU B 9 3.93 -21.86 -16.23
N THR B 10 2.74 -21.43 -15.80
CA THR B 10 1.84 -20.66 -16.64
C THR B 10 2.53 -19.42 -17.23
N PHE B 11 3.31 -18.75 -16.40
CA PHE B 11 3.99 -17.51 -16.76
C PHE B 11 5.39 -17.75 -17.32
N GLU B 12 5.79 -19.02 -17.40
CA GLU B 12 7.12 -19.41 -17.84
C GLU B 12 8.22 -18.69 -17.09
N MET B 13 8.10 -18.65 -15.77
CA MET B 13 9.08 -17.98 -14.93
C MET B 13 10.35 -18.83 -14.83
N SER B 14 11.51 -18.17 -14.77
CA SER B 14 12.77 -18.85 -14.52
C SER B 14 13.45 -18.21 -13.33
N ILE B 15 13.87 -19.07 -12.40
CA ILE B 15 14.58 -18.60 -11.22
C ILE B 15 15.99 -18.39 -11.69
N ASP B 16 16.44 -17.15 -11.80
CA ASP B 16 17.79 -16.86 -12.25
C ASP B 16 18.83 -16.93 -11.12
N HIS B 17 18.44 -16.59 -9.90
CA HIS B 17 19.37 -16.61 -8.78
C HIS B 17 18.64 -16.63 -7.45
N GLN B 18 19.18 -17.41 -6.52
CA GLN B 18 18.73 -17.44 -5.14
C GLN B 18 19.95 -17.46 -4.22
N GLU B 19 19.86 -16.70 -3.17
CA GLU B 19 20.69 -16.88 -2.00
C GLU B 19 19.89 -16.33 -0.82
N ASP B 20 20.37 -16.54 0.40
CA ASP B 20 19.65 -15.99 1.58
C ASP B 20 19.34 -14.52 1.42
N GLY B 21 18.05 -14.22 1.47
CA GLY B 21 17.58 -12.83 1.40
C GLY B 21 17.58 -12.19 0.03
N LEU B 22 17.82 -12.97 -1.02
CA LEU B 22 17.79 -12.45 -2.35
C LEU B 22 17.26 -13.47 -3.35
N VAL B 23 16.27 -13.05 -4.14
CA VAL B 23 15.72 -13.88 -5.20
C VAL B 23 15.59 -13.07 -6.49
N VAL B 24 16.03 -13.65 -7.60
CA VAL B 24 15.81 -13.06 -8.91
C VAL B 24 15.01 -14.04 -9.77
N ILE B 25 13.86 -13.58 -10.26
CA ILE B 25 13.04 -14.38 -11.17
C ILE B 25 12.67 -13.57 -12.41
N SER B 26 12.81 -14.17 -13.58
CA SER B 26 12.48 -13.49 -14.83
C SER B 26 11.40 -14.27 -15.61
N MET B 27 10.80 -13.61 -16.59
CA MET B 27 9.78 -14.26 -17.38
C MET B 27 9.59 -13.48 -18.67
N PRO B 28 9.17 -14.20 -19.74
CA PRO B 28 8.96 -13.56 -21.03
C PRO B 28 7.64 -12.77 -21.07
N VAL B 29 7.66 -11.64 -21.78
CA VAL B 29 6.48 -10.82 -21.99
C VAL B 29 5.80 -11.31 -23.25
N THR B 30 4.82 -12.18 -23.05
CA THR B 30 4.06 -12.75 -24.14
C THR B 30 2.62 -12.25 -24.12
N ASP B 31 1.88 -12.57 -25.18
CA ASP B 31 0.47 -12.15 -25.25
C ASP B 31 -0.34 -12.72 -24.10
N LYS B 32 -0.01 -13.92 -23.64
CA LYS B 32 -0.80 -14.53 -22.55
C LYS B 32 -0.73 -13.78 -21.22
N VAL B 33 0.28 -12.92 -21.05
CA VAL B 33 0.42 -12.10 -19.83
C VAL B 33 0.24 -10.61 -20.10
N LYS B 34 -0.30 -10.24 -21.27
CA LYS B 34 -0.48 -8.84 -21.63
C LYS B 34 -1.88 -8.32 -21.27
N GLN B 35 -2.06 -7.02 -21.33
CA GLN B 35 -3.39 -6.44 -21.19
C GLN B 35 -3.80 -6.35 -22.63
N PRO B 36 -5.05 -6.01 -22.92
CA PRO B 36 -5.51 -5.91 -24.32
C PRO B 36 -4.76 -4.93 -25.25
N PHE B 37 -4.31 -3.83 -24.68
CA PHE B 37 -3.91 -2.65 -25.45
C PHE B 37 -2.78 -2.83 -26.49
N GLY B 38 -1.65 -3.47 -26.15
CA GLY B 38 -1.45 -4.16 -24.89
C GLY B 38 0.00 -4.32 -24.46
N TYR B 39 0.23 -4.01 -23.20
CA TYR B 39 1.52 -4.11 -22.58
C TYR B 39 1.42 -5.19 -21.54
N LEU B 40 2.53 -5.50 -20.88
CA LEU B 40 2.50 -6.43 -19.76
C LEU B 40 1.45 -5.99 -18.76
N HIS B 41 0.59 -6.92 -18.36
CA HIS B 41 -0.49 -6.67 -17.41
C HIS B 41 0.13 -6.37 -16.06
N GLY B 42 -0.32 -5.31 -15.38
CA GLY B 42 0.25 -4.90 -14.10
C GLY B 42 0.11 -6.01 -13.08
N GLY B 43 -1.03 -6.68 -13.07
CA GLY B 43 -1.24 -7.90 -12.29
C GLY B 43 -0.22 -9.03 -12.46
N ALA B 44 0.26 -9.23 -13.68
CA ALA B 44 1.21 -10.30 -13.97
C ALA B 44 2.55 -9.93 -13.41
N SER B 45 2.84 -8.65 -13.52
CA SER B 45 4.04 -8.06 -12.94
C SER B 45 4.04 -8.22 -11.44
N ILE B 46 2.92 -7.90 -10.82
CA ILE B 46 2.78 -8.08 -9.38
C ILE B 46 2.91 -9.55 -9.00
N ALA B 47 2.30 -10.44 -9.81
CA ALA B 47 2.35 -11.88 -9.53
C ALA B 47 3.77 -12.43 -9.58
N LEU B 48 4.57 -11.95 -10.52
CA LEU B 48 5.99 -12.29 -10.57
C LEU B 48 6.69 -11.86 -9.28
N GLY B 49 6.45 -10.62 -8.85
CA GLY B 49 7.01 -10.11 -7.60
C GLY B 49 6.62 -10.91 -6.37
N GLU B 50 5.33 -11.22 -6.26
CA GLU B 50 4.84 -11.99 -5.13
C GLU B 50 5.44 -13.40 -5.13
N THR B 51 5.62 -13.98 -6.30
CA THR B 51 6.31 -15.24 -6.43
C THR B 51 7.75 -15.15 -5.92
N ALA B 52 8.44 -14.08 -6.29
CA ALA B 52 9.82 -13.89 -5.82
C ALA B 52 9.95 -13.82 -4.32
N CYS B 53 9.14 -13.00 -3.67
CA CYS B 53 9.30 -12.91 -2.21
C CYS B 53 8.75 -14.13 -1.48
N SER B 54 7.73 -14.78 -2.04
CA SER B 54 7.25 -16.05 -1.50
C SER B 54 8.40 -17.07 -1.49
N LEU B 55 9.07 -17.23 -2.63
CA LEU B 55 10.20 -18.15 -2.71
C LEU B 55 11.37 -17.77 -1.77
N GLY B 56 11.63 -16.48 -1.64
CA GLY B 56 12.65 -15.98 -0.72
C GLY B 56 12.36 -16.40 0.70
N SER B 57 11.12 -16.16 1.12
CA SER B 57 10.69 -16.49 2.48
C SER B 57 10.76 -17.99 2.72
N ALA B 58 10.31 -18.77 1.74
CA ALA B 58 10.39 -20.22 1.83
C ALA B 58 11.83 -20.68 2.05
N ASN B 59 12.76 -20.03 1.38
CA ASN B 59 14.17 -20.36 1.52
C ASN B 59 14.73 -20.00 2.89
N LEU B 60 14.09 -19.10 3.60
CA LEU B 60 14.60 -18.68 4.89
C LEU B 60 14.01 -19.43 6.08
N ILE B 61 13.03 -20.31 5.86
CA ILE B 61 12.31 -20.97 6.97
C ILE B 61 12.31 -22.49 6.84
N ASP B 62 11.95 -23.19 7.89
CA ASP B 62 11.84 -24.63 7.86
C ASP B 62 10.50 -25.04 7.27
N THR B 63 10.52 -25.39 5.99
CA THR B 63 9.29 -25.69 5.26
C THR B 63 8.63 -27.02 5.60
N THR B 64 9.19 -27.78 6.53
CA THR B 64 8.49 -28.97 7.06
C THR B 64 7.61 -28.62 8.27
N LYS B 65 7.71 -27.41 8.79
CA LYS B 65 6.81 -26.97 9.87
C LYS B 65 6.04 -25.67 9.57
N PHE B 66 6.61 -24.84 8.71
CA PHE B 66 6.08 -23.50 8.48
C PHE B 66 5.84 -23.26 7.01
N ILE B 67 4.85 -22.39 6.76
CA ILE B 67 4.44 -22.04 5.42
C ILE B 67 4.42 -20.50 5.28
N PRO B 68 4.94 -19.96 4.18
CA PRO B 68 4.91 -18.50 3.95
C PRO B 68 3.67 -18.07 3.18
N LEU B 69 2.84 -17.22 3.76
CA LEU B 69 1.62 -16.73 3.11
C LEU B 69 1.75 -15.24 2.90
N GLY B 70 1.52 -14.80 1.67
CA GLY B 70 1.43 -13.39 1.38
C GLY B 70 0.38 -12.80 2.29
N LEU B 71 0.76 -11.77 3.03
CA LEU B 71 -0.14 -11.07 3.91
C LEU B 71 -0.56 -9.73 3.32
N GLU B 72 0.41 -8.92 2.88
CA GLU B 72 0.12 -7.64 2.26
C GLU B 72 1.06 -7.41 1.08
N MET B 73 0.58 -6.83 -0.01
CA MET B 73 1.45 -6.46 -1.13
C MET B 73 1.02 -5.10 -1.57
N ASN B 74 1.99 -4.25 -1.89
CA ASN B 74 1.69 -3.01 -2.57
C ASN B 74 2.69 -2.77 -3.72
N ALA B 75 2.27 -2.03 -4.73
CA ALA B 75 3.11 -1.80 -5.91
C ALA B 75 2.78 -0.54 -6.68
N ASN B 76 3.83 0.10 -7.19
CA ASN B 76 3.72 1.26 -8.08
C ASN B 76 4.16 0.83 -9.47
N HIS B 77 3.30 1.08 -10.44
CA HIS B 77 3.63 0.80 -11.81
C HIS B 77 4.23 2.07 -12.38
N ILE B 78 5.41 1.96 -12.98
CA ILE B 78 6.20 3.11 -13.42
C ILE B 78 6.30 3.21 -14.93
N HIS B 79 6.81 2.17 -15.57
CA HIS B 79 6.94 2.10 -17.03
C HIS B 79 6.28 0.85 -17.56
N SER B 80 6.03 0.85 -18.86
CA SER B 80 5.36 -0.27 -19.53
C SER B 80 6.37 -1.24 -20.11
N ALA B 81 5.94 -2.49 -20.32
CA ALA B 81 6.75 -3.51 -20.99
C ALA B 81 5.91 -4.07 -22.11
N LYS B 82 6.47 -4.08 -23.31
CA LYS B 82 5.77 -4.57 -24.49
C LYS B 82 6.31 -5.90 -24.97
N ASP B 83 7.58 -6.19 -24.71
CA ASP B 83 8.19 -7.41 -25.23
C ASP B 83 9.45 -7.82 -24.46
N GLY B 84 10.06 -8.91 -24.87
CA GLY B 84 11.29 -9.39 -24.27
C GLY B 84 11.02 -10.00 -22.91
N ARG B 85 11.92 -9.76 -21.98
CA ARG B 85 11.78 -10.31 -20.65
C ARG B 85 11.72 -9.25 -19.57
N VAL B 86 11.05 -9.60 -18.48
CA VAL B 86 11.02 -8.76 -17.29
C VAL B 86 11.59 -9.54 -16.13
N THR B 87 12.25 -8.82 -15.21
CA THR B 87 13.04 -9.45 -14.14
C THR B 87 12.74 -8.81 -12.80
N ALA B 88 12.37 -9.66 -11.83
CA ALA B 88 12.03 -9.22 -10.50
C ALA B 88 13.16 -9.57 -9.57
N THR B 89 13.69 -8.56 -8.89
CA THR B 89 14.71 -8.74 -7.87
C THR B 89 14.11 -8.44 -6.52
N ALA B 90 14.04 -9.45 -5.67
CA ALA B 90 13.46 -9.35 -4.34
C ALA B 90 14.57 -9.41 -3.30
N GLU B 91 14.70 -8.34 -2.51
CA GLU B 91 15.68 -8.26 -1.41
C GLU B 91 14.96 -8.11 -0.09
N ILE B 92 15.37 -8.89 0.91
CA ILE B 92 14.66 -8.85 2.19
C ILE B 92 15.04 -7.58 2.95
N ILE B 93 14.04 -6.96 3.57
CA ILE B 93 14.21 -5.79 4.40
C ILE B 93 14.26 -6.19 5.87
N HIS B 94 13.39 -7.12 6.26
CA HIS B 94 13.26 -7.55 7.64
C HIS B 94 12.83 -9.02 7.69
N ARG B 95 13.62 -9.83 8.42
CA ARG B 95 13.32 -11.25 8.62
C ARG B 95 12.89 -11.45 10.07
N GLY B 96 11.61 -11.25 10.33
CA GLY B 96 11.05 -11.46 11.68
C GLY B 96 10.66 -12.92 11.91
N LYS B 97 10.28 -13.30 13.11
CA LYS B 97 9.86 -14.67 13.36
C LYS B 97 8.52 -15.01 12.71
N SER B 98 7.57 -14.08 12.75
CA SER B 98 6.25 -14.33 12.15
C SER B 98 5.96 -13.57 10.86
N THR B 99 6.74 -12.52 10.55
CA THR B 99 6.63 -11.82 9.27
C THR B 99 7.99 -11.51 8.63
N HIS B 100 8.00 -11.54 7.29
CA HIS B 100 9.12 -11.06 6.48
C HIS B 100 8.63 -9.87 5.67
N VAL B 101 9.45 -8.84 5.53
CA VAL B 101 9.12 -7.70 4.63
C VAL B 101 10.15 -7.68 3.51
N TRP B 102 9.67 -7.57 2.27
CA TRP B 102 10.52 -7.68 1.09
C TRP B 102 10.38 -6.44 0.22
N ASP B 103 11.51 -5.97 -0.29
CA ASP B 103 11.47 -4.98 -1.37
C ASP B 103 11.60 -5.73 -2.70
N ILE B 104 10.74 -5.42 -3.68
CA ILE B 104 10.90 -6.00 -5.00
C ILE B 104 10.97 -4.93 -6.08
N LYS B 105 11.96 -5.02 -6.98
CA LYS B 105 12.04 -4.17 -8.17
C LYS B 105 11.94 -5.02 -9.43
N ILE B 106 11.09 -4.59 -10.35
CA ILE B 106 10.88 -5.29 -11.59
C ILE B 106 11.27 -4.37 -12.75
N LYS B 107 12.26 -4.85 -13.53
CA LYS B 107 12.80 -4.16 -14.71
C LYS B 107 12.60 -4.88 -16.05
N ASN B 108 12.58 -4.09 -17.12
CA ASN B 108 12.56 -4.62 -18.47
C ASN B 108 13.97 -4.78 -19.04
N ASP B 109 14.05 -5.16 -20.31
CA ASP B 109 15.33 -5.31 -21.05
C ASP B 109 16.16 -4.05 -21.04
N LYS B 110 15.50 -2.91 -21.17
CA LYS B 110 16.19 -1.62 -21.27
C LYS B 110 16.61 -1.04 -19.90
N GLU B 111 16.61 -1.89 -18.88
CA GLU B 111 16.92 -1.50 -17.52
C GLU B 111 15.95 -0.48 -16.94
N GLN B 112 14.74 -0.41 -17.48
CA GLN B 112 13.73 0.53 -16.97
C GLN B 112 12.96 -0.12 -15.86
N LEU B 113 12.63 0.67 -14.84
CA LEU B 113 11.75 0.22 -13.78
C LEU B 113 10.34 0.12 -14.32
N ILE B 114 9.81 -1.10 -14.33
CA ILE B 114 8.44 -1.36 -14.71
C ILE B 114 7.54 -1.22 -13.49
N THR B 115 7.94 -1.89 -12.42
CA THR B 115 7.11 -1.98 -11.23
C THR B 115 8.01 -2.05 -10.01
N VAL B 116 7.69 -1.26 -9.00
CA VAL B 116 8.43 -1.32 -7.75
C VAL B 116 7.39 -1.72 -6.69
N MET B 117 7.79 -2.54 -5.73
CA MET B 117 6.79 -3.30 -4.94
C MET B 117 7.28 -3.59 -3.52
N ARG B 118 6.41 -3.60 -2.52
CA ARG B 118 6.80 -4.02 -1.15
C ARG B 118 5.83 -5.04 -0.64
N GLY B 119 6.36 -6.12 -0.09
CA GLY B 119 5.54 -7.28 0.26
C GLY B 119 5.73 -7.76 1.68
N THR B 120 4.64 -8.06 2.36
CA THR B 120 4.69 -8.57 3.72
C THR B 120 4.23 -10.03 3.71
N VAL B 121 5.06 -10.95 4.18
CA VAL B 121 4.78 -12.39 4.10
C VAL B 121 4.63 -12.92 5.53
N ALA B 122 3.49 -13.57 5.79
CA ALA B 122 3.25 -14.24 7.09
C ALA B 122 3.95 -15.57 7.14
N ILE B 123 4.62 -15.87 8.25
CA ILE B 123 5.17 -17.20 8.48
C ILE B 123 4.24 -17.97 9.42
N LYS B 124 3.55 -18.98 8.88
CA LYS B 124 2.49 -19.68 9.59
C LYS B 124 2.79 -21.13 9.90
N PRO B 125 2.31 -21.62 11.04
CA PRO B 125 2.44 -23.04 11.31
C PRO B 125 1.63 -23.91 10.39
N LEU B 126 2.25 -24.98 9.93
CA LEU B 126 1.66 -25.90 8.96
C LEU B 126 1.23 -27.19 9.67
N HIS C 6 -0.99 10.65 23.75
CA HIS C 6 -0.53 12.05 23.66
C HIS C 6 -0.44 12.66 22.26
N LEU C 7 -0.36 11.86 21.21
CA LEU C 7 -0.46 12.44 19.86
C LEU C 7 -1.88 12.93 19.68
N LEU C 8 -2.82 12.28 20.35
CA LEU C 8 -4.20 12.64 20.22
C LEU C 8 -4.45 14.02 20.74
N GLU C 9 -3.80 14.36 21.83
CA GLU C 9 -3.93 15.67 22.45
C GLU C 9 -3.25 16.71 21.59
N THR C 10 -2.16 16.35 20.94
CA THR C 10 -1.42 17.26 20.10
C THR C 10 -2.20 17.75 18.90
N PHE C 11 -2.98 16.85 18.35
CA PHE C 11 -3.79 17.10 17.19
C PHE C 11 -5.19 17.52 17.56
N GLU C 12 -5.48 17.55 18.87
CA GLU C 12 -6.78 18.00 19.33
C GLU C 12 -7.91 17.08 18.86
N MET C 13 -7.66 15.78 18.95
CA MET C 13 -8.60 14.79 18.46
C MET C 13 -9.72 14.60 19.47
N SER C 14 -10.90 14.27 18.97
CA SER C 14 -12.01 13.91 19.82
C SER C 14 -12.60 12.59 19.34
N ILE C 15 -12.73 11.64 20.26
CA ILE C 15 -13.40 10.38 19.97
C ILE C 15 -14.90 10.63 19.96
N ASP C 16 -15.53 10.65 18.79
CA ASP C 16 -16.96 10.95 18.68
C ASP C 16 -17.85 9.74 18.89
N HIS C 17 -17.36 8.55 18.59
CA HIS C 17 -18.15 7.33 18.75
C HIS C 17 -17.23 6.12 18.71
N GLN C 18 -17.56 5.15 19.56
CA GLN C 18 -16.91 3.85 19.58
C GLN C 18 -17.96 2.76 19.73
N GLU C 19 -17.83 1.71 18.95
CA GLU C 19 -18.54 0.46 19.22
C GLU C 19 -17.66 -0.65 18.65
N ASP C 20 -17.95 -1.89 18.98
CA ASP C 20 -17.15 -3.03 18.49
C ASP C 20 -17.01 -2.99 16.96
N GLY C 21 -15.77 -2.84 16.50
CA GLY C 21 -15.52 -2.75 15.06
C GLY C 21 -15.82 -1.42 14.39
N LEU C 22 -16.09 -0.35 15.14
CA LEU C 22 -16.27 0.97 14.53
C LEU C 22 -15.79 2.10 15.44
N VAL C 23 -14.97 2.97 14.89
CA VAL C 23 -14.43 4.09 15.63
C VAL C 23 -14.56 5.34 14.79
N VAL C 24 -15.06 6.42 15.39
CA VAL C 24 -15.10 7.70 14.73
C VAL C 24 -14.29 8.68 15.54
N ILE C 25 -13.29 9.30 14.90
CA ILE C 25 -12.47 10.33 15.54
C ILE C 25 -12.40 11.55 14.64
N SER C 26 -12.63 12.73 15.21
CA SER C 26 -12.55 13.97 14.44
C SER C 26 -11.44 14.89 14.99
N MET C 27 -11.01 15.85 14.18
CA MET C 27 -10.07 16.86 14.63
C MET C 27 -10.17 18.12 13.78
N PRO C 28 -9.82 19.29 14.36
CA PRO C 28 -9.83 20.52 13.59
C PRO C 28 -8.64 20.65 12.63
N VAL C 29 -8.89 21.20 11.46
CA VAL C 29 -7.83 21.52 10.53
C VAL C 29 -7.27 22.89 10.90
N THR C 30 -6.15 22.89 11.63
CA THR C 30 -5.47 24.11 12.04
C THR C 30 -4.14 24.25 11.33
N ASP C 31 -3.50 25.42 11.49
CA ASP C 31 -2.20 25.66 10.85
C ASP C 31 -1.17 24.68 11.38
N LYS C 32 -1.25 24.30 12.67
CA LYS C 32 -0.28 23.39 13.25
C LYS C 32 -0.30 21.98 12.63
N VAL C 33 -1.37 21.61 11.90
CA VAL C 33 -1.42 20.35 11.15
C VAL C 33 -1.47 20.57 9.64
N LYS C 34 -1.10 21.75 9.15
CA LYS C 34 -1.12 22.03 7.70
C LYS C 34 0.23 21.77 7.04
N GLN C 35 0.21 21.55 5.73
CA GLN C 35 1.43 21.57 4.92
C GLN C 35 1.71 23.05 4.70
N PRO C 36 2.90 23.41 4.17
CA PRO C 36 3.18 24.85 3.98
C PRO C 36 2.25 25.65 3.03
N PHE C 37 1.75 24.98 2.00
CA PHE C 37 1.06 25.62 0.87
C PHE C 37 -0.14 26.53 1.16
N GLY C 38 -1.12 26.12 1.95
CA GLY C 38 -1.09 24.91 2.75
C GLY C 38 -2.46 24.35 3.08
N TYR C 39 -2.61 23.06 2.77
CA TYR C 39 -3.76 22.26 3.10
C TYR C 39 -3.43 21.44 4.35
N LEU C 40 -4.41 20.68 4.82
CA LEU C 40 -4.16 19.65 5.82
C LEU C 40 -3.03 18.74 5.33
N HIS C 41 -2.05 18.50 6.19
CA HIS C 41 -0.87 17.65 5.86
C HIS C 41 -1.35 16.22 5.69
N GLY C 42 -0.93 15.55 4.64
CA GLY C 42 -1.35 14.20 4.34
C GLY C 42 -0.99 13.26 5.46
N GLY C 43 0.24 13.41 5.96
CA GLY C 43 0.67 12.73 7.16
C GLY C 43 -0.21 12.85 8.40
N ALA C 44 -0.78 14.04 8.60
CA ALA C 44 -1.64 14.30 9.76
C ALA C 44 -2.94 13.52 9.61
N SER C 45 -3.47 13.54 8.39
CA SER C 45 -4.64 12.75 8.04
C SER C 45 -4.39 11.26 8.27
N ILE C 46 -3.25 10.76 7.77
CA ILE C 46 -2.91 9.35 8.01
C ILE C 46 -2.77 9.06 9.52
N ALA C 47 -2.13 9.95 10.27
CA ALA C 47 -2.03 9.80 11.73
C ALA C 47 -3.38 9.74 12.43
N LEU C 48 -4.34 10.53 11.95
CA LEU C 48 -5.71 10.44 12.46
C LEU C 48 -6.29 9.02 12.22
N GLY C 49 -6.12 8.52 10.99
CA GLY C 49 -6.59 7.18 10.66
C GLY C 49 -5.95 6.08 11.50
N GLU C 50 -4.63 6.18 11.68
CA GLU C 50 -3.89 5.19 12.43
C GLU C 50 -4.33 5.20 13.89
N THR C 51 -4.59 6.39 14.42
CA THR C 51 -5.14 6.54 15.74
C THR C 51 -6.47 5.81 15.86
N ALA C 52 -7.36 6.04 14.92
CA ALA C 52 -8.69 5.39 14.94
C ALA C 52 -8.63 3.86 14.94
N CYS C 53 -7.89 3.27 14.02
CA CYS C 53 -7.86 1.80 14.00
C CYS C 53 -7.05 1.21 15.17
N SER C 54 -6.04 1.92 15.66
CA SER C 54 -5.31 1.43 16.82
C SER C 54 -6.23 1.37 18.07
N LEU C 55 -6.95 2.46 18.31
CA LEU C 55 -7.99 2.47 19.33
C LEU C 55 -9.08 1.38 19.13
N GLY C 56 -9.52 1.18 17.89
CA GLY C 56 -10.49 0.13 17.57
C GLY C 56 -10.00 -1.24 17.97
N SER C 57 -8.77 -1.55 17.57
CA SER C 57 -8.17 -2.84 17.89
C SER C 57 -8.02 -3.02 19.41
N ALA C 58 -7.59 -1.97 20.11
CA ALA C 58 -7.50 -2.00 21.57
C ALA C 58 -8.85 -2.34 22.21
N ASN C 59 -9.90 -1.77 21.66
CA ASN C 59 -11.26 -2.04 22.13
C ASN C 59 -11.72 -3.47 21.87
N LEU C 60 -11.10 -4.15 20.91
CA LEU C 60 -11.50 -5.52 20.60
C LEU C 60 -10.70 -6.62 21.30
N ILE C 61 -9.66 -6.23 22.07
CA ILE C 61 -8.73 -7.19 22.70
C ILE C 61 -8.50 -7.01 24.21
N ASP C 62 -7.86 -7.99 24.81
CA ASP C 62 -7.58 -7.94 26.24
C ASP C 62 -6.36 -7.07 26.46
N THR C 63 -6.62 -5.86 26.88
CA THR C 63 -5.56 -4.89 27.00
C THR C 63 -4.50 -5.30 27.98
N THR C 64 -4.77 -6.24 28.86
CA THR C 64 -3.71 -6.69 29.79
C THR C 64 -2.88 -7.88 29.33
N LYS C 65 -3.34 -8.67 28.35
CA LYS C 65 -2.56 -9.78 27.80
C LYS C 65 -1.95 -9.47 26.42
N PHE C 66 -2.63 -8.63 25.64
CA PHE C 66 -2.19 -8.32 24.29
C PHE C 66 -2.06 -6.81 24.03
N ILE C 67 -1.24 -6.49 23.04
CA ILE C 67 -1.01 -5.09 22.65
C ILE C 67 -1.20 -5.00 21.14
N PRO C 68 -1.91 -3.95 20.68
CA PRO C 68 -2.08 -3.72 19.25
C PRO C 68 -0.97 -2.84 18.68
N LEU C 69 -0.23 -3.34 17.70
CA LEU C 69 0.83 -2.57 17.05
C LEU C 69 0.53 -2.40 15.57
N GLY C 70 0.56 -1.15 15.10
CA GLY C 70 0.44 -0.89 13.68
C GLY C 70 1.51 -1.68 12.94
N LEU C 71 1.09 -2.46 11.95
CA LEU C 71 2.01 -3.26 11.19
C LEU C 71 2.20 -2.75 9.78
N GLU C 72 1.11 -2.49 9.07
CA GLU C 72 1.15 -1.87 7.74
C GLU C 72 0.03 -0.86 7.60
N MET C 73 0.27 0.25 6.91
CA MET C 73 -0.76 1.27 6.67
C MET C 73 -0.58 1.68 5.24
N ASN C 74 -1.69 1.85 4.52
CA ASN C 74 -1.61 2.47 3.23
C ASN C 74 -2.75 3.47 3.07
N ALA C 75 -2.53 4.48 2.22
CA ALA C 75 -3.52 5.54 2.05
C ALA C 75 -3.44 6.27 0.73
N ASN C 76 -4.62 6.61 0.20
CA ASN C 76 -4.81 7.40 -1.00
C ASN C 76 -5.38 8.73 -0.57
N HIS C 77 -4.72 9.79 -0.98
CA HIS C 77 -5.19 11.13 -0.78
C HIS C 77 -6.02 11.51 -2.01
N ILE C 78 -7.26 11.94 -1.78
CA ILE C 78 -8.23 12.21 -2.84
C ILE C 78 -8.56 13.71 -2.98
N HIS C 79 -9.02 14.34 -1.91
CA HIS C 79 -9.36 15.76 -1.92
C HIS C 79 -8.60 16.49 -0.83
N SER C 80 -8.55 17.81 -0.94
CA SER C 80 -7.86 18.66 0.02
C SER C 80 -8.82 19.13 1.08
N ALA C 81 -8.24 19.47 2.22
CA ALA C 81 -8.95 20.08 3.33
C ALA C 81 -8.17 21.32 3.71
N LYS C 82 -8.86 22.44 3.76
CA LYS C 82 -8.26 23.70 4.11
C LYS C 82 -8.68 24.21 5.48
N ASP C 83 -9.87 23.82 5.97
CA ASP C 83 -10.34 24.31 7.26
C ASP C 83 -11.46 23.46 7.85
N GLY C 84 -11.95 23.85 9.01
CA GLY C 84 -13.06 23.19 9.64
C GLY C 84 -12.54 21.94 10.31
N ARG C 85 -13.35 20.89 10.26
CA ARG C 85 -12.99 19.62 10.88
C ARG C 85 -12.89 18.53 9.84
N VAL C 86 -12.05 17.54 10.14
CA VAL C 86 -12.03 16.30 9.39
C VAL C 86 -12.42 15.16 10.33
N THR C 87 -13.09 14.16 9.75
CA THR C 87 -13.56 13.01 10.51
C THR C 87 -13.13 11.68 9.90
N ALA C 88 -12.49 10.83 10.71
CA ALA C 88 -12.08 9.51 10.32
C ALA C 88 -13.09 8.48 10.83
N THR C 89 -13.60 7.65 9.92
CA THR C 89 -14.48 6.54 10.23
C THR C 89 -13.75 5.26 9.94
N ALA C 90 -13.46 4.49 10.98
CA ALA C 90 -12.70 3.25 10.89
C ALA C 90 -13.61 2.06 11.13
N GLU C 91 -13.75 1.19 10.12
CA GLU C 91 -14.58 -0.03 10.18
C GLU C 91 -13.73 -1.29 10.06
N ILE C 92 -13.87 -2.25 10.96
CA ILE C 92 -13.02 -3.44 10.88
C ILE C 92 -13.45 -4.32 9.70
N ILE C 93 -12.46 -4.84 8.98
CA ILE C 93 -12.65 -5.77 7.85
C ILE C 93 -12.40 -7.20 8.29
N HIS C 94 -11.36 -7.41 9.08
CA HIS C 94 -11.00 -8.74 9.54
C HIS C 94 -10.50 -8.69 10.97
N ARG C 95 -11.13 -9.47 11.84
CA ARG C 95 -10.75 -9.56 13.23
C ARG C 95 -10.10 -10.91 13.46
N GLY C 96 -8.82 -11.03 13.15
CA GLY C 96 -8.10 -12.29 13.30
C GLY C 96 -7.44 -12.43 14.64
N LYS C 97 -6.79 -13.57 14.87
CA LYS C 97 -6.17 -13.86 16.15
C LYS C 97 -4.92 -13.01 16.38
N SER C 98 -4.09 -12.90 15.35
CA SER C 98 -2.84 -12.13 15.44
C SER C 98 -2.85 -10.84 14.59
N THR C 99 -3.82 -10.66 13.70
CA THR C 99 -3.96 -9.40 12.94
C THR C 99 -5.42 -8.92 12.85
N HIS C 100 -5.60 -7.59 12.89
CA HIS C 100 -6.87 -6.94 12.54
C HIS C 100 -6.63 -6.07 11.29
N VAL C 101 -7.57 -6.10 10.34
CA VAL C 101 -7.45 -5.22 9.17
C VAL C 101 -8.62 -4.26 9.20
N TRP C 102 -8.33 -2.97 9.00
CA TRP C 102 -9.31 -1.89 9.08
C TRP C 102 -9.45 -1.12 7.77
N ASP C 103 -10.67 -0.78 7.37
CA ASP C 103 -10.91 0.23 6.35
C ASP C 103 -11.16 1.57 7.05
N ILE C 104 -10.49 2.63 6.63
CA ILE C 104 -10.71 3.94 7.25
C ILE C 104 -10.99 4.98 6.19
N LYS C 105 -12.06 5.75 6.36
CA LYS C 105 -12.36 6.89 5.47
C LYS C 105 -12.31 8.22 6.23
N ILE C 106 -11.65 9.21 5.64
CA ILE C 106 -11.49 10.51 6.25
C ILE C 106 -12.13 11.53 5.33
N LYS C 107 -13.11 12.25 5.87
CA LYS C 107 -13.88 13.24 5.13
C LYS C 107 -13.79 14.62 5.75
N ASN C 108 -14.05 15.64 4.94
CA ASN C 108 -14.12 17.02 5.41
C ASN C 108 -15.55 17.42 5.75
N ASP C 109 -15.76 18.69 6.10
CA ASP C 109 -17.09 19.24 6.41
C ASP C 109 -18.11 19.04 5.30
N LYS C 110 -17.66 19.15 4.06
CA LYS C 110 -18.52 19.06 2.92
C LYS C 110 -18.83 17.63 2.53
N GLU C 111 -18.48 16.69 3.39
CA GLU C 111 -18.65 15.27 3.12
C GLU C 111 -17.82 14.78 1.95
N GLN C 112 -16.72 15.46 1.65
CA GLN C 112 -15.83 15.01 0.58
C GLN C 112 -14.83 14.04 1.15
N LEU C 113 -14.48 13.03 0.36
CA LEU C 113 -13.43 12.09 0.77
C LEU C 113 -12.06 12.74 0.67
N ILE C 114 -11.41 12.94 1.81
CA ILE C 114 -10.06 13.51 1.84
C ILE C 114 -9.02 12.41 1.66
N THR C 115 -9.15 11.37 2.45
CA THR C 115 -8.15 10.30 2.50
C THR C 115 -8.86 8.98 2.76
N VAL C 116 -8.50 7.96 2.00
CA VAL C 116 -9.03 6.64 2.19
C VAL C 116 -7.82 5.77 2.52
N MET C 117 -8.01 4.81 3.41
CA MET C 117 -6.89 4.21 4.08
C MET C 117 -7.21 2.77 4.45
N ARG C 118 -6.22 1.88 4.39
CA ARG C 118 -6.36 0.54 4.95
C ARG C 118 -5.19 0.26 5.91
N GLY C 119 -5.48 -0.27 7.10
CA GLY C 119 -4.47 -0.47 8.14
C GLY C 119 -4.49 -1.89 8.67
N THR C 120 -3.31 -2.46 8.87
CA THR C 120 -3.16 -3.80 9.40
C THR C 120 -2.48 -3.63 10.75
N VAL C 121 -3.16 -4.10 11.80
CA VAL C 121 -2.67 -3.99 13.18
C VAL C 121 -2.31 -5.40 13.66
N ALA C 122 -1.10 -5.55 14.16
CA ALA C 122 -0.65 -6.79 14.74
C ALA C 122 -1.13 -6.85 16.18
N ILE C 123 -1.60 -8.03 16.58
CA ILE C 123 -1.98 -8.29 17.97
C ILE C 123 -0.87 -9.13 18.61
N LYS C 124 -0.12 -8.51 19.52
CA LYS C 124 1.07 -9.12 20.11
C LYS C 124 0.91 -9.46 21.58
N PRO C 125 1.48 -10.61 22.01
CA PRO C 125 1.61 -10.88 23.44
C PRO C 125 2.55 -9.90 24.14
N HIS D 6 -6.26 -10.59 -22.60
CA HIS D 6 -5.63 -11.91 -22.75
C HIS D 6 -4.97 -12.51 -21.49
N LEU D 7 -4.91 -11.81 -20.35
CA LEU D 7 -4.52 -12.48 -19.12
C LEU D 7 -5.82 -12.94 -18.63
N LEU D 8 -6.86 -12.33 -19.20
CA LEU D 8 -8.20 -12.70 -18.86
C LEU D 8 -8.50 -14.12 -19.31
N GLU D 9 -8.04 -14.47 -20.51
CA GLU D 9 -8.22 -15.82 -21.02
C GLU D 9 -7.38 -16.82 -20.22
N THR D 10 -6.15 -16.43 -19.96
CA THR D 10 -5.20 -17.27 -19.28
C THR D 10 -5.75 -17.76 -17.95
N PHE D 11 -6.43 -16.87 -17.23
CA PHE D 11 -6.99 -17.15 -15.90
C PHE D 11 -8.46 -17.53 -15.96
N GLU D 12 -8.99 -17.63 -17.18
CA GLU D 12 -10.38 -18.05 -17.42
C GLU D 12 -11.40 -17.15 -16.74
N MET D 13 -11.13 -15.85 -16.79
CA MET D 13 -11.97 -14.88 -16.11
C MET D 13 -13.30 -14.74 -16.83
N SER D 14 -14.36 -14.49 -16.07
CA SER D 14 -15.68 -14.23 -16.64
C SER D 14 -16.22 -12.94 -16.05
N ILE D 15 -16.67 -12.04 -16.90
CA ILE D 15 -17.23 -10.78 -16.43
C ILE D 15 -18.67 -11.08 -16.06
N ASP D 16 -19.00 -11.08 -14.77
CA ASP D 16 -20.36 -11.40 -14.32
C ASP D 16 -21.31 -10.22 -14.34
N HIS D 17 -20.80 -9.00 -14.19
CA HIS D 17 -21.63 -7.79 -14.27
C HIS D 17 -20.79 -6.54 -14.40
N GLN D 18 -21.32 -5.57 -15.12
CA GLN D 18 -20.64 -4.31 -15.18
C GLN D 18 -21.59 -3.17 -15.54
N GLU D 19 -21.55 -2.16 -14.70
CA GLU D 19 -22.32 -0.95 -14.90
C GLU D 19 -21.42 0.19 -14.47
N ASP D 20 -21.84 1.44 -14.68
CA ASP D 20 -21.01 2.57 -14.31
C ASP D 20 -20.58 2.50 -12.85
N GLY D 21 -19.27 2.42 -12.64
CA GLY D 21 -18.66 2.39 -11.33
C GLY D 21 -18.70 1.05 -10.61
N LEU D 22 -19.04 -0.02 -11.31
CA LEU D 22 -19.09 -1.33 -10.67
C LEU D 22 -18.76 -2.43 -11.65
N VAL D 23 -17.83 -3.29 -11.25
CA VAL D 23 -17.43 -4.43 -12.07
C VAL D 23 -17.36 -5.67 -11.19
N VAL D 24 -17.96 -6.77 -11.66
CA VAL D 24 -17.82 -8.04 -11.00
C VAL D 24 -17.18 -9.03 -11.96
N ILE D 25 -16.04 -9.60 -11.56
CA ILE D 25 -15.33 -10.59 -12.38
C ILE D 25 -15.00 -11.81 -11.54
N SER D 26 -15.24 -13.00 -12.07
CA SER D 26 -14.94 -14.22 -11.34
C SER D 26 -13.95 -15.07 -12.10
N MET D 27 -13.38 -16.05 -11.43
CA MET D 27 -12.51 -16.99 -12.09
C MET D 27 -12.38 -18.24 -11.26
N PRO D 28 -12.09 -19.36 -11.92
CA PRO D 28 -11.91 -20.62 -11.19
C PRO D 28 -10.53 -20.70 -10.51
N VAL D 29 -10.51 -21.29 -9.31
CA VAL D 29 -9.28 -21.58 -8.62
C VAL D 29 -8.79 -22.91 -9.11
N THR D 30 -7.90 -22.89 -10.09
CA THR D 30 -7.30 -24.09 -10.65
C THR D 30 -5.83 -24.20 -10.28
N ASP D 31 -5.23 -25.33 -10.61
CA ASP D 31 -3.82 -25.54 -10.30
C ASP D 31 -2.94 -24.52 -11.02
N LYS D 32 -3.35 -24.10 -12.23
CA LYS D 32 -2.55 -23.13 -12.96
C LYS D 32 -2.46 -21.73 -12.31
N VAL D 33 -3.34 -21.43 -11.36
CA VAL D 33 -3.26 -20.18 -10.60
C VAL D 33 -2.95 -20.41 -9.12
N LYS D 34 -2.45 -21.59 -8.76
CA LYS D 34 -2.15 -21.91 -7.37
C LYS D 34 -0.70 -21.62 -7.02
N GLN D 35 -0.40 -21.43 -5.73
CA GLN D 35 0.98 -21.48 -5.25
C GLN D 35 1.32 -22.97 -5.17
N PRO D 36 2.61 -23.33 -5.01
CA PRO D 36 2.99 -24.76 -4.88
C PRO D 36 2.30 -25.59 -3.77
N PHE D 37 2.04 -24.96 -2.63
CA PHE D 37 1.64 -25.65 -1.39
C PHE D 37 0.42 -26.58 -1.44
N GLY D 38 -0.71 -26.17 -1.98
CA GLY D 38 -0.91 -24.93 -2.68
C GLY D 38 -2.31 -24.37 -2.59
N TYR D 39 -2.38 -23.09 -2.25
CA TYR D 39 -3.59 -22.29 -2.30
C TYR D 39 -3.60 -21.46 -3.57
N LEU D 40 -4.70 -20.75 -3.80
CA LEU D 40 -4.72 -19.66 -4.78
C LEU D 40 -3.55 -18.71 -4.51
N HIS D 41 -2.78 -18.45 -5.58
CA HIS D 41 -1.64 -17.53 -5.53
C HIS D 41 -2.14 -16.11 -5.28
N GLY D 42 -1.54 -15.42 -4.32
CA GLY D 42 -1.97 -14.08 -3.97
C GLY D 42 -1.87 -13.14 -5.15
N GLY D 43 -0.81 -13.29 -5.91
CA GLY D 43 -0.67 -12.56 -7.17
C GLY D 43 -1.76 -12.73 -8.20
N ALA D 44 -2.33 -13.92 -8.28
CA ALA D 44 -3.41 -14.19 -9.24
C ALA D 44 -4.65 -13.47 -8.79
N SER D 45 -4.88 -13.49 -7.48
CA SER D 45 -5.97 -12.75 -6.86
C SER D 45 -5.83 -11.25 -7.15
N ILE D 46 -4.63 -10.72 -6.94
CA ILE D 46 -4.36 -9.31 -7.22
C ILE D 46 -4.60 -9.01 -8.70
N ALA D 47 -4.14 -9.91 -9.58
CA ALA D 47 -4.33 -9.73 -11.02
C ALA D 47 -5.81 -9.71 -11.43
N LEU D 48 -6.62 -10.54 -10.78
CA LEU D 48 -8.08 -10.47 -10.93
C LEU D 48 -8.62 -9.09 -10.56
N GLY D 49 -8.20 -8.59 -9.39
CA GLY D 49 -8.59 -7.24 -8.92
C GLY D 49 -8.20 -6.11 -9.85
N GLU D 50 -6.96 -6.15 -10.32
CA GLU D 50 -6.44 -5.13 -11.22
C GLU D 50 -7.19 -5.18 -12.53
N THR D 51 -7.51 -6.37 -13.00
CA THR D 51 -8.32 -6.55 -14.20
C THR D 51 -9.69 -5.89 -14.04
N ALA D 52 -10.34 -6.14 -12.90
CA ALA D 52 -11.66 -5.55 -12.64
C ALA D 52 -11.66 -4.04 -12.66
N CYS D 53 -10.73 -3.42 -11.94
CA CYS D 53 -10.76 -1.95 -11.92
C CYS D 53 -10.25 -1.34 -13.23
N SER D 54 -9.33 -1.99 -13.92
CA SER D 54 -8.89 -1.50 -15.24
C SER D 54 -10.08 -1.47 -16.21
N LEU D 55 -10.81 -2.56 -16.27
CA LEU D 55 -11.99 -2.62 -17.09
C LEU D 55 -12.99 -1.55 -16.69
N GLY D 56 -13.26 -1.42 -15.39
CA GLY D 56 -14.17 -0.39 -14.92
C GLY D 56 -13.81 0.99 -15.43
N SER D 57 -12.53 1.33 -15.27
CA SER D 57 -12.05 2.65 -15.70
C SER D 57 -12.21 2.84 -17.22
N ALA D 58 -11.90 1.79 -17.99
CA ALA D 58 -12.08 1.85 -19.46
C ALA D 58 -13.53 2.11 -19.81
N ASN D 59 -14.45 1.49 -19.08
CA ASN D 59 -15.87 1.75 -19.26
C ASN D 59 -16.32 3.16 -18.89
N LEU D 60 -15.56 3.86 -18.06
CA LEU D 60 -15.96 5.19 -17.63
C LEU D 60 -15.39 6.33 -18.48
N ILE D 61 -14.50 6.05 -19.44
CA ILE D 61 -13.81 7.12 -20.19
C ILE D 61 -13.95 6.93 -21.69
N ASP D 62 -13.64 7.98 -22.44
CA ASP D 62 -13.63 7.94 -23.91
C ASP D 62 -12.39 7.22 -24.41
N THR D 63 -12.53 5.93 -24.74
CA THR D 63 -11.36 5.13 -25.09
C THR D 63 -10.77 5.43 -26.47
N THR D 64 -11.37 6.36 -27.21
CA THR D 64 -10.76 6.85 -28.44
C THR D 64 -9.80 8.01 -28.21
N LYS D 65 -9.81 8.57 -27.00
CA LYS D 65 -8.91 9.66 -26.62
C LYS D 65 -7.99 9.34 -25.44
N PHE D 66 -8.47 8.50 -24.51
CA PHE D 66 -7.75 8.21 -23.28
C PHE D 66 -7.55 6.72 -23.04
N ILE D 67 -6.51 6.42 -22.26
CA ILE D 67 -6.18 5.04 -21.87
C ILE D 67 -6.03 4.98 -20.34
N PRO D 68 -6.60 3.93 -19.71
CA PRO D 68 -6.44 3.73 -18.28
C PRO D 68 -5.21 2.87 -17.95
N LEU D 69 -4.25 3.40 -17.18
CA LEU D 69 -3.06 2.62 -16.76
C LEU D 69 -3.02 2.47 -15.26
N GLY D 70 -2.91 1.22 -14.82
CA GLY D 70 -2.71 0.92 -13.40
C GLY D 70 -1.52 1.71 -12.87
N LEU D 71 -1.75 2.49 -11.82
CA LEU D 71 -0.71 3.33 -11.24
C LEU D 71 -0.23 2.75 -9.92
N GLU D 72 -1.15 2.52 -9.00
CA GLU D 72 -0.82 1.94 -7.72
C GLU D 72 -1.86 0.88 -7.36
N MET D 73 -1.42 -0.23 -6.79
CA MET D 73 -2.33 -1.28 -6.30
C MET D 73 -1.83 -1.66 -4.93
N ASN D 74 -2.74 -1.86 -3.99
CA ASN D 74 -2.35 -2.48 -2.73
C ASN D 74 -3.41 -3.49 -2.32
N ALA D 75 -2.99 -4.49 -1.57
CA ALA D 75 -3.91 -5.58 -1.20
C ALA D 75 -3.53 -6.27 0.08
N ASN D 76 -4.56 -6.62 0.84
CA ASN D 76 -4.47 -7.45 2.03
C ASN D 76 -5.05 -8.80 1.69
N HIS D 77 -4.26 -9.84 1.88
CA HIS D 77 -4.71 -11.20 1.79
C HIS D 77 -5.24 -11.58 3.16
N ILE D 78 -6.48 -12.06 3.20
CA ILE D 78 -7.19 -12.35 4.45
C ILE D 78 -7.36 -13.83 4.70
N HIS D 79 -7.97 -14.53 3.76
CA HIS D 79 -8.19 -15.98 3.87
C HIS D 79 -7.67 -16.67 2.64
N SER D 80 -7.48 -17.98 2.76
CA SER D 80 -7.05 -18.83 1.65
C SER D 80 -8.22 -19.35 0.80
N ALA D 81 -7.90 -19.65 -0.45
CA ALA D 81 -8.79 -20.32 -1.37
C ALA D 81 -8.03 -21.53 -1.87
N LYS D 82 -8.70 -22.68 -1.80
CA LYS D 82 -8.13 -23.92 -2.28
C LYS D 82 -8.85 -24.45 -3.51
N ASP D 83 -10.07 -23.99 -3.78
CA ASP D 83 -10.85 -24.53 -4.91
C ASP D 83 -12.09 -23.71 -5.24
N GLY D 84 -12.81 -24.13 -6.27
CA GLY D 84 -14.05 -23.48 -6.66
C GLY D 84 -13.77 -22.19 -7.38
N ARG D 85 -14.59 -21.18 -7.14
CA ARG D 85 -14.44 -19.89 -7.82
C ARG D 85 -14.23 -18.75 -6.85
N VAL D 86 -13.49 -17.74 -7.29
CA VAL D 86 -13.32 -16.50 -6.55
C VAL D 86 -13.89 -15.36 -7.37
N THR D 87 -14.44 -14.36 -6.67
CA THR D 87 -15.18 -13.29 -7.32
C THR D 87 -14.75 -11.92 -6.80
N ALA D 88 -14.32 -11.07 -7.72
CA ALA D 88 -13.85 -9.73 -7.41
C ALA D 88 -14.93 -8.71 -7.73
N THR D 89 -15.29 -7.92 -6.71
CA THR D 89 -16.21 -6.83 -6.89
C THR D 89 -15.44 -5.54 -6.73
N ALA D 90 -15.36 -4.77 -7.81
CA ALA D 90 -14.70 -3.50 -7.83
C ALA D 90 -15.74 -2.38 -7.87
N GLU D 91 -15.69 -1.49 -6.87
CA GLU D 91 -16.56 -0.31 -6.79
C GLU D 91 -15.72 0.95 -6.83
N ILE D 92 -16.10 1.91 -7.65
CA ILE D 92 -15.31 3.11 -7.77
C ILE D 92 -15.54 4.00 -6.53
N ILE D 93 -14.43 4.54 -6.02
CA ILE D 93 -14.40 5.45 -4.90
C ILE D 93 -14.32 6.90 -5.40
N HIS D 94 -13.56 7.12 -6.47
CA HIS D 94 -13.26 8.45 -6.97
C HIS D 94 -13.03 8.37 -8.45
N ARG D 95 -13.80 9.14 -9.21
CA ARG D 95 -13.71 9.20 -10.65
C ARG D 95 -13.19 10.56 -11.01
N GLY D 96 -11.89 10.72 -10.95
CA GLY D 96 -11.24 12.00 -11.28
C GLY D 96 -10.96 12.13 -12.76
N LYS D 97 -10.51 13.32 -13.15
CA LYS D 97 -10.15 13.60 -14.54
C LYS D 97 -8.89 12.87 -14.96
N SER D 98 -7.87 12.83 -14.11
CA SER D 98 -6.62 12.12 -14.42
C SER D 98 -6.38 10.82 -13.61
N THR D 99 -7.13 10.59 -12.53
CA THR D 99 -7.06 9.31 -11.81
C THR D 99 -8.44 8.81 -11.36
N HIS D 100 -8.59 7.49 -11.32
CA HIS D 100 -9.71 6.80 -10.70
C HIS D 100 -9.17 6.00 -9.51
N VAL D 101 -9.89 5.96 -8.39
CA VAL D 101 -9.51 5.10 -7.27
C VAL D 101 -10.64 4.10 -7.07
N TRP D 102 -10.28 2.83 -6.91
CA TRP D 102 -11.25 1.73 -6.82
C TRP D 102 -11.06 0.93 -5.54
N ASP D 103 -12.16 0.47 -4.98
CA ASP D 103 -12.08 -0.42 -3.86
C ASP D 103 -12.44 -1.77 -4.42
N ILE D 104 -11.70 -2.81 -4.08
CA ILE D 104 -11.99 -4.14 -4.64
C ILE D 104 -12.05 -5.17 -3.55
N LYS D 105 -13.11 -6.00 -3.54
CA LYS D 105 -13.23 -7.13 -2.59
C LYS D 105 -13.23 -8.43 -3.38
N ILE D 106 -12.46 -9.42 -2.93
CA ILE D 106 -12.40 -10.72 -3.58
C ILE D 106 -12.79 -11.78 -2.58
N LYS D 107 -13.89 -12.47 -2.90
CA LYS D 107 -14.48 -13.54 -2.06
C LYS D 107 -14.44 -14.93 -2.67
N ASN D 108 -14.45 -15.96 -1.82
CA ASN D 108 -14.57 -17.35 -2.27
C ASN D 108 -16.03 -17.80 -2.30
N ASP D 109 -16.23 -19.08 -2.59
CA ASP D 109 -17.55 -19.74 -2.60
C ASP D 109 -18.32 -19.56 -1.31
N LYS D 110 -17.61 -19.66 -0.20
CA LYS D 110 -18.23 -19.63 1.12
C LYS D 110 -18.47 -18.18 1.61
N GLU D 111 -18.44 -17.22 0.69
CA GLU D 111 -18.60 -15.79 1.00
C GLU D 111 -17.49 -15.26 1.94
N GLN D 112 -16.34 -15.92 1.99
CA GLN D 112 -15.25 -15.43 2.84
C GLN D 112 -14.41 -14.41 2.06
N LEU D 113 -13.92 -13.39 2.77
CA LEU D 113 -12.97 -12.45 2.17
C LEU D 113 -11.65 -13.14 1.96
N ILE D 114 -11.25 -13.29 0.68
CA ILE D 114 -9.92 -13.78 0.35
C ILE D 114 -8.93 -12.63 0.29
N THR D 115 -9.29 -11.58 -0.44
CA THR D 115 -8.39 -10.47 -0.66
C THR D 115 -9.17 -9.17 -0.71
N VAL D 116 -8.69 -8.14 -0.03
CA VAL D 116 -9.29 -6.81 -0.09
C VAL D 116 -8.24 -5.88 -0.67
N MET D 117 -8.62 -4.93 -1.50
CA MET D 117 -7.66 -4.28 -2.41
C MET D 117 -8.07 -2.84 -2.71
N ARG D 118 -7.11 -1.97 -2.92
CA ARG D 118 -7.41 -0.63 -3.40
C ARG D 118 -6.50 -0.35 -4.58
N GLY D 119 -7.05 0.21 -5.65
CA GLY D 119 -6.32 0.41 -6.89
C GLY D 119 -6.46 1.82 -7.42
N THR D 120 -5.37 2.42 -7.86
CA THR D 120 -5.38 3.74 -8.45
C THR D 120 -5.03 3.58 -9.92
N VAL D 121 -5.92 4.07 -10.80
CA VAL D 121 -5.74 3.98 -12.25
C VAL D 121 -5.52 5.37 -12.83
N ALA D 122 -4.43 5.55 -13.57
CA ALA D 122 -4.13 6.84 -14.24
C ALA D 122 -4.87 6.90 -15.55
N ILE D 123 -5.42 8.06 -15.86
CA ILE D 123 -6.14 8.29 -17.09
C ILE D 123 -5.28 9.15 -17.99
N LYS D 124 -4.72 8.53 -19.03
CA LYS D 124 -3.68 9.14 -19.85
C LYS D 124 -4.13 9.42 -21.28
N PRO D 125 -3.67 10.54 -21.87
CA PRO D 125 -3.89 10.76 -23.30
C PRO D 125 -3.12 9.77 -24.18
#